data_2IIZ
#
_entry.id   2IIZ
#
_cell.length_a   94.837
_cell.length_b   94.837
_cell.length_c   116.666
_cell.angle_alpha   90.000
_cell.angle_beta   90.000
_cell.angle_gamma   90.000
#
_symmetry.space_group_name_H-M   'P 43 21 2'
#
loop_
_entity.id
_entity.type
_entity.pdbx_description
1 polymer 'Melanin biosynthesis protein TyrA, putative'
2 non-polymer 'SODIUM ION'
3 non-polymer 'PROTOPORPHYRIN IX CONTAINING FE'
4 non-polymer 1,2-ETHANEDIOL
5 non-polymer 'ISOPROPYL ALCOHOL'
6 water water
#
_entity_poly.entity_id   1
_entity_poly.type   'polypeptide(L)'
_entity_poly.pdbx_seq_one_letter_code
;G(MSE)DIQN(MSE)PREQLGVCAEGNLHSVYL(MSE)FNANDNVESQLRPCIANVAQYIYELTDQYSDSAFNGFVAIGA
NYWDSLYPESRPE(MSE)LKPFPA(MSE)QEGNREAPAIEYDLFVHLRCDRYDILHLVANEISQ(MSE)FEDLVELVEEE
RGFRF(MSE)DSRDLTGFVDGTENPKGRHRQEVALVGSEDPEFKGGSYIHVQKYAHNLSKWHRLPLKKQEDIIGRTKQDN
IEYESEDKPLTSHIKRVNLKDENGKSIEILRQS(MSE)PYGSLKEQGL(MSE)FISTCRTPDHFEK(MSE)LHS(MSE)V
FGDGAGNHDHL(MSE)HFTSALTGSSFFAPSLDFL(MSE)QFDN
;
_entity_poly.pdbx_strand_id   A
#
# COMPACT_ATOMS: atom_id res chain seq x y z
N ASN A 6 -9.48 -21.42 -11.74
CA ASN A 6 -9.45 -20.14 -10.97
C ASN A 6 -9.97 -18.93 -11.78
N PRO A 8 -11.57 -16.06 -11.32
CA PRO A 8 -11.42 -14.63 -11.14
C PRO A 8 -10.01 -14.20 -11.53
N ARG A 9 -9.90 -13.00 -12.07
CA ARG A 9 -8.63 -12.47 -12.48
C ARG A 9 -8.25 -11.29 -11.59
N GLU A 10 -7.13 -11.44 -10.89
CA GLU A 10 -6.64 -10.36 -10.05
C GLU A 10 -6.22 -9.19 -10.94
N GLN A 11 -6.37 -7.99 -10.42
CA GLN A 11 -5.84 -6.81 -11.09
C GLN A 11 -4.34 -6.87 -11.05
N LEU A 12 -3.73 -6.46 -12.16
CA LEU A 12 -2.32 -6.77 -12.40
C LEU A 12 -1.38 -5.92 -11.56
N GLY A 13 -1.85 -4.77 -11.10
CA GLY A 13 -0.97 -3.83 -10.39
C GLY A 13 -0.78 -4.19 -8.92
N VAL A 14 -1.53 -5.18 -8.43
CA VAL A 14 -1.50 -5.49 -7.00
C VAL A 14 -0.20 -6.14 -6.62
N CYS A 15 0.21 -7.10 -7.44
CA CYS A 15 1.44 -7.86 -7.23
C CYS A 15 2.59 -7.43 -8.15
N ALA A 16 2.40 -6.36 -8.91
CA ALA A 16 3.40 -6.00 -9.92
C ALA A 16 4.77 -5.81 -9.28
N GLU A 17 5.80 -6.15 -10.05
CA GLU A 17 7.17 -5.79 -9.67
C GLU A 17 7.31 -4.26 -9.68
N GLY A 18 8.38 -3.78 -9.06
CA GLY A 18 8.59 -2.32 -8.88
C GLY A 18 8.68 -1.53 -10.17
N ASN A 19 8.48 -0.21 -10.08
CA ASN A 19 8.53 0.73 -11.22
C ASN A 19 9.18 2.03 -10.87
N LEU A 20 9.66 2.75 -11.87
CA LEU A 20 10.30 4.04 -11.63
C LEU A 20 9.34 5.15 -11.14
N HIS A 21 8.05 5.03 -11.45
CA HIS A 21 7.09 6.11 -11.14
C HIS A 21 5.70 5.57 -10.84
N SER A 22 4.90 6.40 -10.17
CA SER A 22 3.54 6.02 -9.79
C SER A 22 2.69 7.26 -9.50
N VAL A 23 1.37 7.07 -9.60
CA VAL A 23 0.38 8.09 -9.23
C VAL A 23 -0.67 7.47 -8.30
N TYR A 24 -1.04 8.26 -7.29
CA TYR A 24 -1.96 7.82 -6.26
C TYR A 24 -3.12 8.82 -6.17
N LEU A 25 -4.33 8.34 -6.45
CA LEU A 25 -5.50 9.19 -6.57
C LEU A 25 -6.58 8.68 -5.67
N PHE A 27 -10.39 9.48 -4.37
CA PHE A 27 -11.66 10.10 -4.77
C PHE A 27 -12.72 9.82 -3.73
N ASN A 28 -13.59 10.80 -3.55
CA ASN A 28 -14.78 10.65 -2.74
C ASN A 28 -15.98 10.91 -3.65
N ALA A 29 -17.00 10.07 -3.46
CA ALA A 29 -18.15 10.05 -4.33
C ALA A 29 -19.18 11.08 -3.89
N ASN A 30 -19.89 11.63 -4.86
CA ASN A 30 -20.95 12.58 -4.58
C ASN A 30 -22.14 11.80 -4.00
N ASP A 31 -23.19 12.50 -3.58
CA ASP A 31 -24.36 11.86 -2.98
C ASP A 31 -25.17 11.05 -4.00
N ASN A 32 -25.54 9.82 -3.60
CA ASN A 32 -26.51 8.98 -4.34
C ASN A 32 -26.16 8.68 -5.80
N VAL A 33 -24.87 8.44 -6.05
CA VAL A 33 -24.33 8.22 -7.41
C VAL A 33 -23.94 6.77 -7.67
N GLU A 34 -24.28 5.87 -6.75
CA GLU A 34 -23.73 4.52 -6.75
C GLU A 34 -24.21 3.69 -7.95
N SER A 35 -25.43 3.95 -8.38
CA SER A 35 -25.98 3.31 -9.56
C SER A 35 -25.16 3.59 -10.84
N GLN A 36 -24.57 4.77 -10.91
CA GLN A 36 -23.85 5.24 -12.09
C GLN A 36 -22.35 4.94 -11.99
N LEU A 37 -21.85 4.89 -10.76
CA LEU A 37 -20.42 4.71 -10.52
C LEU A 37 -19.98 3.26 -10.73
N ARG A 38 -20.77 2.34 -10.20
CA ARG A 38 -20.49 0.91 -10.26
C ARG A 38 -20.08 0.39 -11.66
N PRO A 39 -20.88 0.69 -12.71
CA PRO A 39 -20.42 0.34 -14.06
C PRO A 39 -19.26 1.20 -14.57
N CYS A 40 -19.17 2.45 -14.13
CA CYS A 40 -18.07 3.34 -14.55
C CYS A 40 -16.73 2.84 -13.99
N ILE A 41 -16.77 2.38 -12.74
CA ILE A 41 -15.64 1.69 -12.12
C ILE A 41 -15.23 0.45 -12.92
N ALA A 42 -16.21 -0.25 -13.50
CA ALA A 42 -15.93 -1.42 -14.34
C ALA A 42 -15.07 -1.05 -15.54
N ASN A 43 -15.48 0.01 -16.23
CA ASN A 43 -14.74 0.51 -17.39
C ASN A 43 -13.32 0.91 -17.05
N VAL A 44 -13.15 1.53 -15.88
CA VAL A 44 -11.84 2.03 -15.44
C VAL A 44 -10.91 0.88 -15.08
N ALA A 45 -11.44 -0.07 -14.33
CA ALA A 45 -10.70 -1.28 -13.98
C ALA A 45 -10.20 -2.03 -15.22
N GLN A 46 -11.08 -2.15 -16.18
CA GLN A 46 -10.79 -2.83 -17.43
C GLN A 46 -9.69 -2.12 -18.21
N TYR A 47 -9.85 -0.80 -18.34
CA TYR A 47 -8.91 0.04 -19.07
C TYR A 47 -7.53 -0.12 -18.47
N ILE A 48 -7.43 0.02 -17.16
CA ILE A 48 -6.17 -0.17 -16.43
C ILE A 48 -5.50 -1.51 -16.70
N TYR A 49 -6.31 -2.54 -16.84
CA TYR A 49 -5.83 -3.89 -17.17
C TYR A 49 -5.28 -3.91 -18.57
N GLU A 50 -6.13 -3.52 -19.51
CA GLU A 50 -5.77 -3.44 -20.93
C GLU A 50 -4.47 -2.65 -21.21
N LEU A 51 -4.20 -1.65 -20.36
CA LEU A 51 -3.03 -0.76 -20.53
C LEU A 51 -1.69 -1.43 -20.21
N THR A 52 -1.77 -2.52 -19.45
CA THR A 52 -0.61 -3.35 -19.19
C THR A 52 0.00 -3.84 -20.52
N ASP A 53 -0.83 -4.40 -21.38
CA ASP A 53 -0.41 -4.80 -22.71
C ASP A 53 -0.07 -3.58 -23.61
N GLN A 54 -0.94 -2.58 -23.66
CA GLN A 54 -0.70 -1.43 -24.54
C GLN A 54 0.66 -0.79 -24.25
N TYR A 55 0.96 -0.65 -22.95
CA TYR A 55 2.20 0.00 -22.51
C TYR A 55 3.11 -1.03 -21.85
N SER A 56 3.31 -2.16 -22.51
CA SER A 56 4.22 -3.20 -22.00
C SER A 56 5.64 -2.69 -22.06
N ASP A 57 5.90 -1.91 -23.09
CA ASP A 57 7.20 -1.31 -23.30
C ASP A 57 7.71 -0.58 -22.05
N SER A 58 6.80 -0.03 -21.24
CA SER A 58 7.18 0.72 -20.05
C SER A 58 6.55 0.13 -18.79
N ALA A 59 6.34 -1.19 -18.82
CA ALA A 59 5.86 -1.97 -17.67
C ALA A 59 4.70 -1.33 -16.91
N PHE A 60 3.70 -0.86 -17.66
CA PHE A 60 2.57 -0.18 -17.03
C PHE A 60 1.77 -1.18 -16.24
N ASN A 61 1.25 -0.73 -15.10
CA ASN A 61 0.29 -1.53 -14.36
C ASN A 61 -0.36 -0.69 -13.29
N GLY A 62 -1.46 -1.21 -12.74
CA GLY A 62 -2.38 -0.42 -11.93
C GLY A 62 -3.52 -1.21 -11.30
N PHE A 63 -4.20 -0.56 -10.36
CA PHE A 63 -5.40 -1.11 -9.81
C PHE A 63 -6.34 -0.04 -9.31
N VAL A 64 -7.63 -0.38 -9.25
CA VAL A 64 -8.66 0.38 -8.54
C VAL A 64 -9.13 -0.40 -7.31
N ALA A 65 -9.09 0.27 -6.16
CA ALA A 65 -9.56 -0.27 -4.89
C ALA A 65 -10.58 0.66 -4.28
N ILE A 66 -11.36 0.10 -3.35
CA ILE A 66 -12.61 0.69 -2.86
C ILE A 66 -12.59 0.81 -1.32
N GLY A 67 -12.94 1.98 -0.80
CA GLY A 67 -12.76 2.25 0.63
C GLY A 67 -13.63 1.37 1.53
N ALA A 68 -13.13 1.06 2.71
CA ALA A 68 -13.86 0.18 3.64
C ALA A 68 -15.22 0.77 4.02
N ASN A 69 -15.25 2.07 4.24
CA ASN A 69 -16.47 2.78 4.69
C ASN A 69 -17.47 3.11 3.57
N TYR A 70 -17.13 2.79 2.33
CA TYR A 70 -18.01 3.03 1.20
C TYR A 70 -18.43 1.75 0.48
N TRP A 71 -17.78 0.63 0.78
CA TRP A 71 -18.12 -0.65 0.15
C TRP A 71 -19.63 -0.86 0.10
N ASP A 72 -20.30 -0.67 1.23
CA ASP A 72 -21.73 -1.00 1.35
C ASP A 72 -22.74 -0.06 0.68
N SER A 73 -22.27 1.12 0.26
CA SER A 73 -23.05 2.00 -0.59
C SER A 73 -23.00 1.49 -2.03
N LEU A 74 -21.81 1.04 -2.44
CA LEU A 74 -21.57 0.54 -3.79
C LEU A 74 -21.93 -0.92 -3.99
N TYR A 75 -21.62 -1.78 -3.01
CA TYR A 75 -21.81 -3.22 -3.15
C TYR A 75 -22.58 -3.83 -1.97
N PRO A 76 -23.85 -3.42 -1.81
CA PRO A 76 -24.64 -3.75 -0.62
C PRO A 76 -25.01 -5.23 -0.44
N GLU A 77 -25.01 -6.00 -1.54
CA GLU A 77 -25.47 -7.39 -1.54
C GLU A 77 -24.45 -8.39 -0.94
N SER A 78 -23.18 -8.03 -0.98
CA SER A 78 -22.10 -8.95 -0.62
C SER A 78 -20.85 -8.17 -0.21
N ARG A 79 -19.96 -8.83 0.55
CA ARG A 79 -18.80 -8.18 1.16
C ARG A 79 -17.64 -9.14 1.39
N PRO A 80 -16.40 -8.66 1.20
CA PRO A 80 -15.23 -9.39 1.65
C PRO A 80 -15.35 -9.71 3.13
N GLU A 81 -15.00 -10.95 3.49
CA GLU A 81 -15.20 -11.48 4.84
C GLU A 81 -14.66 -10.56 5.94
N LEU A 83 -13.32 -7.31 5.75
CA LEU A 83 -13.15 -5.89 5.45
C LEU A 83 -13.61 -4.95 6.56
N LYS A 84 -12.73 -4.00 6.92
CA LYS A 84 -13.01 -3.06 7.98
C LYS A 84 -12.14 -1.79 7.86
N PRO A 85 -12.51 -0.74 8.62
CA PRO A 85 -11.80 0.54 8.52
C PRO A 85 -10.34 0.46 8.95
N PHE A 86 -9.59 1.53 8.69
CA PHE A 86 -8.19 1.55 9.06
C PHE A 86 -8.13 1.42 10.55
N PRO A 87 -7.18 0.62 11.06
CA PRO A 87 -7.11 0.39 12.49
C PRO A 87 -6.33 1.52 13.23
N ALA A 88 -7.02 2.63 13.47
CA ALA A 88 -6.41 3.78 14.15
C ALA A 88 -5.67 3.34 15.42
N GLN A 90 -2.43 4.87 18.49
CA GLN A 90 -1.62 5.98 18.98
C GLN A 90 -1.02 5.65 20.35
N GLU A 91 0.29 5.90 20.51
CA GLU A 91 0.91 5.95 21.84
C GLU A 91 2.03 6.99 21.82
N GLY A 92 2.02 7.89 22.81
CA GLY A 92 2.93 9.04 22.80
C GLY A 92 2.82 9.85 21.51
N ASN A 93 3.96 10.22 20.94
CA ASN A 93 4.01 10.89 19.64
C ASN A 93 3.82 9.92 18.46
N ARG A 94 3.61 8.65 18.73
CA ARG A 94 3.51 7.67 17.67
C ARG A 94 2.05 7.51 17.31
N GLU A 95 1.62 8.27 16.29
CA GLU A 95 0.23 8.35 15.89
C GLU A 95 0.01 7.73 14.51
N ALA A 96 -0.97 6.85 14.43
CA ALA A 96 -1.41 6.27 13.17
C ALA A 96 -2.89 6.60 13.02
N PRO A 97 -3.19 7.75 12.38
CA PRO A 97 -4.56 8.21 12.25
C PRO A 97 -5.29 7.46 11.11
N ALA A 98 -6.62 7.52 11.15
CA ALA A 98 -7.47 6.96 10.12
C ALA A 98 -8.11 8.11 9.37
N ILE A 99 -8.00 8.04 8.05
CA ILE A 99 -8.59 9.01 7.13
C ILE A 99 -8.93 8.18 5.90
N GLU A 100 -10.21 7.91 5.72
CA GLU A 100 -10.66 6.98 4.71
C GLU A 100 -11.11 7.75 3.49
N TYR A 101 -10.97 7.11 2.31
CA TYR A 101 -11.41 7.65 1.02
C TYR A 101 -12.25 6.58 0.32
N ASP A 102 -13.25 7.03 -0.45
CA ASP A 102 -14.18 6.12 -1.13
C ASP A 102 -13.51 5.25 -2.19
N LEU A 103 -12.63 5.85 -2.97
CA LEU A 103 -11.93 5.14 -4.05
C LEU A 103 -10.48 5.54 -4.13
N PHE A 104 -9.67 4.54 -4.46
CA PHE A 104 -8.24 4.68 -4.65
C PHE A 104 -7.88 4.10 -6.01
N VAL A 105 -7.18 4.91 -6.81
CA VAL A 105 -6.64 4.49 -8.07
C VAL A 105 -5.12 4.56 -7.97
N HIS A 106 -4.52 3.38 -8.08
CA HIS A 106 -3.09 3.18 -7.96
C HIS A 106 -2.52 2.89 -9.31
N LEU A 107 -1.68 3.81 -9.80
CA LEU A 107 -1.14 3.70 -11.15
C LEU A 107 0.37 3.68 -11.17
N ARG A 108 0.93 2.82 -12.03
CA ARG A 108 2.39 2.65 -12.08
C ARG A 108 2.98 2.47 -13.47
N CYS A 109 4.23 2.94 -13.64
CA CYS A 109 4.91 2.88 -14.93
C CYS A 109 6.35 3.34 -14.80
N ASP A 110 7.20 2.88 -15.70
CA ASP A 110 8.58 3.38 -15.83
C ASP A 110 8.66 4.70 -16.63
N ARG A 111 7.51 5.18 -17.10
CA ARG A 111 7.41 6.45 -17.81
C ARG A 111 6.37 7.28 -17.09
N TYR A 112 6.73 8.52 -16.84
CA TYR A 112 5.91 9.46 -16.08
C TYR A 112 4.92 10.13 -16.98
N ASP A 113 5.30 10.33 -18.23
CA ASP A 113 4.43 11.02 -19.15
C ASP A 113 3.17 10.18 -19.41
N ILE A 114 3.36 8.88 -19.46
CA ILE A 114 2.26 7.98 -19.69
C ILE A 114 1.30 7.93 -18.53
N LEU A 115 1.81 8.06 -17.31
CA LEU A 115 0.93 8.11 -16.12
C LEU A 115 0.14 9.43 -16.05
N HIS A 116 0.78 10.52 -16.47
CA HIS A 116 0.09 11.79 -16.52
C HIS A 116 -1.09 11.64 -17.45
N LEU A 117 -0.83 11.07 -18.63
CA LEU A 117 -1.87 10.87 -19.65
C LEU A 117 -3.00 9.99 -19.10
N VAL A 118 -2.62 8.84 -18.54
CA VAL A 118 -3.60 7.89 -18.05
C VAL A 118 -4.47 8.46 -16.94
N ALA A 119 -3.83 9.13 -15.96
CA ALA A 119 -4.54 9.84 -14.89
C ALA A 119 -5.56 10.85 -15.43
N ASN A 120 -5.11 11.75 -16.29
CA ASN A 120 -6.02 12.66 -16.96
C ASN A 120 -7.18 11.83 -17.50
N GLU A 121 -6.87 10.77 -18.26
CA GLU A 121 -7.94 9.98 -18.87
C GLU A 121 -8.90 9.37 -17.84
N ILE A 122 -8.37 8.79 -16.79
CA ILE A 122 -9.22 8.18 -15.78
C ILE A 122 -10.12 9.19 -15.09
N SER A 123 -9.58 10.37 -14.80
CA SER A 123 -10.34 11.48 -14.23
C SER A 123 -11.56 11.84 -15.10
N GLN A 124 -11.36 11.83 -16.42
CA GLN A 124 -12.45 12.14 -17.33
C GLN A 124 -13.47 11.02 -17.35
N PHE A 126 -14.51 9.39 -14.78
CA PHE A 126 -15.41 9.51 -13.61
C PHE A 126 -16.47 10.59 -13.74
N GLU A 127 -16.33 11.45 -14.74
CA GLU A 127 -17.37 12.46 -15.08
C GLU A 127 -17.55 13.43 -13.92
N ASP A 128 -18.79 13.65 -13.47
CA ASP A 128 -19.04 14.48 -12.30
C ASP A 128 -19.62 13.62 -11.19
N LEU A 129 -19.23 12.36 -11.14
CA LEU A 129 -19.73 11.42 -10.13
C LEU A 129 -18.89 11.41 -8.85
N VAL A 130 -17.62 11.77 -8.96
CA VAL A 130 -16.74 11.82 -7.79
C VAL A 130 -15.90 13.08 -7.79
N GLU A 131 -15.37 13.42 -6.63
CA GLU A 131 -14.40 14.51 -6.49
C GLU A 131 -13.00 13.95 -6.22
N LEU A 132 -12.00 14.52 -6.88
CA LEU A 132 -10.61 14.23 -6.52
C LEU A 132 -10.27 14.93 -5.21
N VAL A 133 -9.78 14.17 -4.24
CA VAL A 133 -9.47 14.70 -2.90
C VAL A 133 -7.97 14.79 -2.62
N GLU A 134 -7.21 13.77 -3.03
CA GLU A 134 -5.76 13.75 -2.89
C GLU A 134 -5.10 13.18 -4.15
N GLU A 135 -4.00 13.80 -4.56
CA GLU A 135 -3.15 13.26 -5.59
C GLU A 135 -1.72 13.35 -5.13
N GLU A 136 -0.96 12.27 -5.32
CA GLU A 136 0.49 12.28 -5.02
C GLU A 136 1.20 11.46 -6.09
N ARG A 137 2.48 11.77 -6.30
CA ARG A 137 3.32 11.04 -7.27
C ARG A 137 4.52 10.42 -6.57
N GLY A 138 4.67 9.12 -6.79
CA GLY A 138 5.75 8.33 -6.20
C GLY A 138 6.91 8.22 -7.18
N PHE A 139 8.09 7.96 -6.64
CA PHE A 139 9.25 7.76 -7.49
C PHE A 139 10.25 6.82 -6.84
N ARG A 140 10.87 5.96 -7.64
CA ARG A 140 12.03 5.19 -7.20
C ARG A 140 13.18 6.14 -6.82
N PHE A 141 13.80 5.91 -5.67
CA PHE A 141 14.92 6.73 -5.25
C PHE A 141 16.17 5.85 -5.26
N ASP A 143 18.80 3.02 -6.00
CA ASP A 143 18.54 1.59 -6.22
C ASP A 143 17.45 1.08 -5.29
N SER A 144 16.23 1.52 -5.54
CA SER A 144 15.08 1.20 -4.70
C SER A 144 15.29 1.50 -3.21
N ARG A 145 15.72 2.72 -2.92
CA ARG A 145 15.89 3.15 -1.54
C ARG A 145 14.74 4.10 -1.10
N ASP A 146 14.46 4.07 0.19
CA ASP A 146 13.60 5.04 0.85
C ASP A 146 14.46 6.26 0.98
N LEU A 147 13.85 7.41 1.20
CA LEU A 147 14.63 8.66 1.26
C LEU A 147 15.56 8.71 2.49
N THR A 148 15.36 7.78 3.44
CA THR A 148 16.32 7.56 4.52
C THR A 148 17.71 7.08 4.04
N GLY A 149 17.77 6.59 2.79
CA GLY A 149 19.00 6.09 2.19
C GLY A 149 19.19 4.59 2.34
N PHE A 150 18.20 3.91 2.94
CA PHE A 150 18.16 2.44 3.11
C PHE A 150 17.28 1.79 2.07
N VAL A 151 17.69 0.62 1.57
CA VAL A 151 16.97 -0.11 0.53
C VAL A 151 15.67 -0.62 1.09
N ASP A 152 14.55 -0.29 0.43
CA ASP A 152 13.22 -0.75 0.85
C ASP A 152 12.75 -1.79 -0.16
N GLY A 153 12.31 -2.96 0.32
CA GLY A 153 11.73 -4.03 -0.53
C GLY A 153 12.30 -5.45 -0.35
N THR A 154 13.46 -5.52 0.28
CA THR A 154 14.32 -6.69 0.21
C THR A 154 13.62 -8.01 0.59
N GLU A 155 12.89 -8.01 1.70
CA GLU A 155 12.27 -9.25 2.22
C GLU A 155 10.81 -9.43 1.80
N ASN A 156 10.38 -8.65 0.80
CA ASN A 156 9.08 -8.90 0.17
C ASN A 156 9.00 -10.31 -0.41
N PRO A 157 7.79 -10.87 -0.44
CA PRO A 157 7.56 -12.12 -1.17
C PRO A 157 8.06 -12.01 -2.61
N LYS A 158 8.48 -13.14 -3.17
CA LYS A 158 9.08 -13.16 -4.48
C LYS A 158 8.31 -14.10 -5.39
N GLY A 159 8.35 -13.83 -6.69
CA GLY A 159 7.66 -14.67 -7.66
C GLY A 159 6.24 -15.00 -7.24
N ARG A 160 5.93 -16.28 -7.27
CA ARG A 160 4.58 -16.76 -7.02
C ARG A 160 4.17 -16.64 -5.57
N HIS A 161 5.13 -16.53 -4.67
CA HIS A 161 4.81 -16.28 -3.27
C HIS A 161 4.03 -14.97 -3.11
N ARG A 162 4.33 -13.97 -3.93
CA ARG A 162 3.58 -12.70 -3.93
C ARG A 162 2.09 -12.94 -4.04
N GLN A 163 1.69 -13.76 -4.99
CA GLN A 163 0.28 -14.03 -5.18
C GLN A 163 -0.28 -14.70 -3.91
N GLU A 164 0.45 -15.70 -3.40
CA GLU A 164 0.09 -16.44 -2.19
C GLU A 164 -0.18 -15.49 -1.00
N VAL A 165 0.67 -14.49 -0.84
CA VAL A 165 0.57 -13.54 0.27
C VAL A 165 -0.51 -12.51 0.03
N ALA A 166 -0.56 -11.97 -1.18
CA ALA A 166 -1.38 -10.79 -1.48
C ALA A 166 -2.86 -11.06 -1.75
N LEU A 167 -3.16 -12.17 -2.41
CA LEU A 167 -4.49 -12.41 -2.98
C LEU A 167 -5.38 -13.34 -2.15
N VAL A 168 -6.64 -12.93 -2.00
CA VAL A 168 -7.65 -13.79 -1.37
C VAL A 168 -7.81 -15.03 -2.24
N GLY A 169 -8.05 -16.16 -1.58
CA GLY A 169 -8.24 -17.45 -2.24
C GLY A 169 -9.61 -18.06 -1.89
N SER A 170 -9.67 -19.38 -1.82
CA SER A 170 -10.97 -20.03 -1.61
C SER A 170 -11.47 -19.98 -0.15
N GLU A 171 -10.74 -19.35 0.76
CA GLU A 171 -11.31 -18.98 2.09
C GLU A 171 -12.53 -18.08 1.89
N ASP A 172 -12.51 -17.23 0.86
CA ASP A 172 -13.64 -16.32 0.55
C ASP A 172 -13.95 -16.39 -0.96
N PRO A 173 -14.65 -17.45 -1.38
CA PRO A 173 -14.78 -17.74 -2.80
C PRO A 173 -15.20 -16.55 -3.67
N GLU A 174 -16.23 -15.82 -3.24
CA GLU A 174 -16.77 -14.72 -4.04
C GLU A 174 -15.72 -13.65 -4.37
N PHE A 175 -14.74 -13.47 -3.48
CA PHE A 175 -13.72 -12.40 -3.62
C PHE A 175 -12.27 -12.87 -3.87
N LYS A 176 -12.12 -14.13 -4.22
CA LYS A 176 -10.84 -14.69 -4.65
C LYS A 176 -10.31 -13.86 -5.81
N GLY A 177 -9.03 -13.54 -5.76
CA GLY A 177 -8.42 -12.62 -6.73
C GLY A 177 -8.31 -11.18 -6.21
N GLY A 178 -8.91 -10.91 -5.06
CA GLY A 178 -8.88 -9.58 -4.46
C GLY A 178 -7.83 -9.49 -3.38
N SER A 179 -7.45 -8.26 -3.01
CA SER A 179 -6.47 -8.02 -1.94
C SER A 179 -6.93 -6.95 -0.92
N TYR A 180 -6.49 -7.10 0.33
CA TYR A 180 -6.78 -6.08 1.36
C TYR A 180 -5.65 -5.06 1.35
N ILE A 181 -6.02 -3.79 1.17
CA ILE A 181 -5.03 -2.74 0.97
C ILE A 181 -5.07 -1.69 2.07
N HIS A 182 -3.91 -1.28 2.55
CA HIS A 182 -3.82 -0.22 3.54
C HIS A 182 -2.75 0.78 3.08
N VAL A 183 -3.05 2.05 3.25
CA VAL A 183 -2.20 3.11 2.75
C VAL A 183 -1.92 4.07 3.91
N GLN A 184 -0.64 4.36 4.12
CA GLN A 184 -0.22 5.37 5.10
C GLN A 184 0.71 6.32 4.39
N LYS A 185 0.35 7.60 4.36
CA LYS A 185 1.27 8.62 3.84
C LYS A 185 2.18 9.05 4.98
N TYR A 186 3.45 8.60 4.91
CA TYR A 186 4.48 8.92 5.90
C TYR A 186 5.32 10.14 5.47
N ALA A 187 5.25 11.19 6.28
CA ALA A 187 6.05 12.39 6.11
C ALA A 187 7.31 12.25 6.99
N HIS A 188 8.47 12.10 6.35
CA HIS A 188 9.72 11.89 7.06
C HIS A 188 10.21 13.25 7.54
N ASN A 189 10.87 13.26 8.70
CA ASN A 189 11.67 14.38 9.16
C ASN A 189 13.13 14.13 8.77
N LEU A 190 13.48 14.52 7.56
CA LEU A 190 14.78 14.16 6.99
C LEU A 190 15.94 14.90 7.65
N SER A 191 15.71 16.13 8.09
CA SER A 191 16.77 16.89 8.74
C SER A 191 17.19 16.21 10.04
N LYS A 192 16.20 15.78 10.81
CA LYS A 192 16.41 15.04 12.06
C LYS A 192 17.12 13.71 11.81
N TRP A 193 16.66 12.98 10.80
CA TRP A 193 17.21 11.67 10.46
C TRP A 193 18.68 11.76 10.08
N HIS A 194 18.99 12.72 9.22
CA HIS A 194 20.32 12.82 8.64
C HIS A 194 21.34 13.39 9.61
N ARG A 195 20.92 13.78 10.82
CA ARG A 195 21.89 14.16 11.86
C ARG A 195 22.37 12.96 12.69
N LEU A 196 21.72 11.81 12.49
CA LEU A 196 22.12 10.56 13.14
C LEU A 196 23.45 10.02 12.59
N PRO A 197 24.38 9.63 13.48
CA PRO A 197 25.54 8.88 13.01
C PRO A 197 25.09 7.58 12.33
N LEU A 198 25.87 7.14 11.37
CA LEU A 198 25.54 5.98 10.54
C LEU A 198 25.11 4.75 11.36
N LYS A 199 25.88 4.42 12.38
CA LYS A 199 25.59 3.25 13.22
C LYS A 199 24.20 3.34 13.86
N LYS A 200 23.78 4.54 14.27
CA LYS A 200 22.45 4.72 14.85
C LYS A 200 21.36 4.42 13.86
N GLN A 201 21.53 4.96 12.64
CA GLN A 201 20.60 4.73 11.55
C GLN A 201 20.44 3.24 11.36
N GLU A 202 21.58 2.55 11.25
CA GLU A 202 21.62 1.11 11.00
C GLU A 202 20.95 0.35 12.14
N ASP A 203 21.12 0.85 13.36
CA ASP A 203 20.57 0.23 14.58
C ASP A 203 19.05 0.42 14.66
N ILE A 204 18.54 1.44 13.97
CA ILE A 204 17.09 1.72 13.98
C ILE A 204 16.36 0.83 12.96
N ILE A 205 17.01 0.62 11.82
CA ILE A 205 16.43 -0.26 10.81
C ILE A 205 16.74 -1.74 11.05
N GLY A 206 17.94 -2.06 11.53
CA GLY A 206 18.36 -3.46 11.73
C GLY A 206 19.05 -4.05 10.51
N ARG A 207 19.51 -3.18 9.60
CA ARG A 207 20.34 -3.59 8.47
C ARG A 207 21.43 -2.53 8.25
N THR A 208 22.55 -2.90 7.64
CA THR A 208 23.57 -1.91 7.26
C THR A 208 23.02 -1.10 6.09
N LYS A 209 23.43 0.16 6.00
CA LYS A 209 22.87 1.10 5.03
C LYS A 209 23.28 0.73 3.61
N GLN A 210 24.55 0.93 3.28
CA GLN A 210 25.01 0.81 1.90
C GLN A 210 24.86 -0.60 1.34
N ASP A 211 25.50 -1.57 1.98
CA ASP A 211 25.47 -2.96 1.50
C ASP A 211 24.16 -3.66 1.82
N ASN A 212 23.36 -3.09 2.71
CA ASN A 212 22.04 -3.63 3.06
C ASN A 212 22.08 -5.04 3.60
N ILE A 213 22.93 -5.25 4.60
CA ILE A 213 23.17 -6.58 5.17
C ILE A 213 22.35 -6.73 6.45
N GLU A 214 21.49 -7.74 6.48
CA GLU A 214 20.62 -7.96 7.62
C GLU A 214 21.47 -8.27 8.82
N TYR A 215 21.21 -7.62 9.95
CA TYR A 215 21.88 -7.96 11.22
C TYR A 215 21.64 -9.41 11.60
N GLU A 216 22.58 -9.99 12.33
CA GLU A 216 22.31 -11.29 12.94
C GLU A 216 21.23 -11.13 14.03
N SER A 217 20.42 -12.18 14.20
CA SER A 217 19.32 -12.20 15.18
C SER A 217 19.71 -11.59 16.51
N GLU A 218 20.76 -12.16 17.09
CA GLU A 218 21.27 -11.75 18.38
C GLU A 218 21.70 -10.27 18.42
N ASP A 219 22.02 -9.71 17.25
CA ASP A 219 22.48 -8.32 17.14
C ASP A 219 21.35 -7.30 16.88
N LYS A 220 20.24 -7.76 16.30
CA LYS A 220 19.04 -6.93 16.07
C LYS A 220 18.52 -6.35 17.38
N PRO A 221 18.52 -5.00 17.51
CA PRO A 221 17.93 -4.39 18.70
C PRO A 221 16.42 -4.55 18.72
N LEU A 222 15.87 -4.74 19.92
CA LEU A 222 14.43 -4.96 20.06
C LEU A 222 13.58 -3.78 19.60
N THR A 223 14.21 -2.60 19.49
CA THR A 223 13.56 -1.39 18.97
C THR A 223 13.78 -1.12 17.50
N SER A 224 14.31 -2.10 16.76
CA SER A 224 14.62 -1.86 15.33
C SER A 224 13.43 -2.20 14.44
N HIS A 225 13.27 -1.45 13.36
CA HIS A 225 12.14 -1.65 12.44
C HIS A 225 11.89 -3.11 12.06
N ILE A 226 12.95 -3.83 11.66
CA ILE A 226 12.88 -5.20 11.13
C ILE A 226 12.61 -6.26 12.22
N LYS A 227 12.96 -5.93 13.45
CA LYS A 227 12.70 -6.83 14.57
C LYS A 227 11.22 -6.74 14.88
N ARG A 228 10.69 -5.53 14.76
CA ARG A 228 9.33 -5.21 15.18
C ARG A 228 8.27 -5.70 14.20
N VAL A 229 8.61 -5.70 12.93
CA VAL A 229 7.65 -6.08 11.87
C VAL A 229 7.90 -7.45 11.24
N ASN A 230 8.84 -8.22 11.77
CA ASN A 230 8.96 -9.64 11.44
C ASN A 230 8.33 -10.44 12.57
N LEU A 231 7.12 -10.92 12.30
CA LEU A 231 6.30 -11.64 13.28
C LEU A 231 6.03 -13.07 12.82
N LYS A 232 5.67 -13.90 13.79
CA LYS A 232 5.25 -15.27 13.53
C LYS A 232 3.90 -15.48 14.20
N ASP A 233 3.08 -16.34 13.60
CA ASP A 233 1.72 -16.56 14.08
C ASP A 233 1.72 -17.50 15.30
N GLU A 234 0.52 -17.84 15.78
CA GLU A 234 0.38 -18.69 16.96
C GLU A 234 0.93 -20.12 16.76
N ASN A 235 1.30 -20.45 15.52
CA ASN A 235 1.87 -21.75 15.17
C ASN A 235 3.31 -21.68 14.63
N GLY A 236 3.94 -20.52 14.72
CA GLY A 236 5.32 -20.36 14.28
C GLY A 236 5.49 -19.84 12.86
N LYS A 237 4.44 -19.94 12.04
CA LYS A 237 4.55 -19.58 10.63
C LYS A 237 4.70 -18.06 10.48
N SER A 238 5.47 -17.65 9.48
CA SER A 238 5.68 -16.23 9.21
C SER A 238 4.40 -15.53 8.75
N ILE A 239 4.19 -14.33 9.26
CA ILE A 239 3.05 -13.49 8.96
C ILE A 239 3.54 -12.42 8.00
N GLU A 240 3.12 -12.50 6.74
CA GLU A 240 3.71 -11.68 5.65
C GLU A 240 2.74 -10.69 5.06
N ILE A 241 3.28 -9.66 4.42
CA ILE A 241 2.51 -8.80 3.53
C ILE A 241 3.34 -8.51 2.28
N LEU A 242 2.68 -8.06 1.22
CA LEU A 242 3.39 -7.62 0.03
C LEU A 242 3.28 -6.11 -0.05
N ARG A 243 4.38 -5.45 0.21
CA ARG A 243 4.38 -3.99 0.17
C ARG A 243 4.65 -3.51 -1.23
N GLN A 244 4.04 -2.38 -1.55
CA GLN A 244 4.19 -1.76 -2.85
C GLN A 244 4.55 -0.30 -2.68
N SER A 245 5.23 0.05 -1.58
CA SER A 245 5.45 1.47 -1.22
C SER A 245 6.48 2.12 -2.10
N PRO A 247 8.88 6.15 -2.42
CA PRO A 247 9.08 7.53 -1.97
C PRO A 247 8.09 8.44 -2.67
N TYR A 248 7.79 9.60 -2.07
CA TYR A 248 6.88 10.57 -2.67
C TYR A 248 7.18 11.97 -2.19
N GLY A 249 6.62 12.94 -2.92
CA GLY A 249 6.53 14.30 -2.42
C GLY A 249 7.57 15.25 -2.97
N SER A 250 7.96 16.21 -2.13
CA SER A 250 8.65 17.41 -2.56
C SER A 250 9.16 18.17 -1.35
N LEU A 251 9.70 19.36 -1.56
CA LEU A 251 10.32 20.09 -0.45
C LEU A 251 9.32 20.36 0.67
N LYS A 252 8.16 20.92 0.35
CA LYS A 252 7.08 21.13 1.35
C LYS A 252 6.86 19.91 2.25
N GLU A 253 6.79 18.73 1.65
CA GLU A 253 6.54 17.49 2.39
C GLU A 253 6.95 16.28 1.56
N GLN A 254 7.61 15.32 2.22
CA GLN A 254 8.18 14.17 1.54
C GLN A 254 8.44 13.00 2.46
N GLY A 255 8.22 11.80 1.95
CA GLY A 255 8.45 10.60 2.75
C GLY A 255 8.15 9.37 1.94
N LEU A 256 7.47 8.41 2.57
CA LEU A 256 7.10 7.15 1.99
C LEU A 256 5.60 7.04 1.87
N PHE A 258 3.41 4.48 2.04
CA PHE A 258 3.33 3.12 2.45
C PHE A 258 2.06 2.44 1.99
N ILE A 259 2.22 1.32 1.29
CA ILE A 259 1.11 0.55 0.78
C ILE A 259 1.31 -0.91 1.15
N SER A 260 0.36 -1.49 1.88
CA SER A 260 0.34 -2.92 2.16
C SER A 260 -0.74 -3.63 1.35
N THR A 261 -0.43 -4.83 0.84
CA THR A 261 -1.36 -5.65 0.08
C THR A 261 -1.30 -7.05 0.65
N CYS A 262 -2.46 -7.65 0.90
CA CYS A 262 -2.52 -8.90 1.65
C CYS A 262 -3.87 -9.60 1.51
N ARG A 263 -3.87 -10.91 1.62
CA ARG A 263 -5.13 -11.66 1.52
C ARG A 263 -5.95 -11.54 2.80
N THR A 264 -5.33 -11.07 3.89
CA THR A 264 -6.03 -10.82 5.15
C THR A 264 -5.59 -9.46 5.71
N PRO A 265 -6.54 -8.70 6.29
CA PRO A 265 -6.18 -7.36 6.82
C PRO A 265 -5.49 -7.33 8.19
N ASP A 266 -5.46 -8.44 8.93
CA ASP A 266 -4.88 -8.36 10.28
C ASP A 266 -3.35 -8.46 10.28
N HIS A 267 -2.77 -8.91 9.17
CA HIS A 267 -1.30 -8.93 9.05
C HIS A 267 -0.69 -7.54 9.21
N PHE A 268 -1.11 -6.59 8.37
CA PHE A 268 -0.68 -5.18 8.52
C PHE A 268 -0.96 -4.67 9.94
N GLU A 269 -2.12 -5.00 10.50
CA GLU A 269 -2.53 -4.47 11.80
C GLU A 269 -1.60 -4.94 12.92
N LYS A 270 -1.43 -6.24 13.01
CA LYS A 270 -0.49 -6.82 13.93
C LYS A 270 0.92 -6.17 13.82
N LEU A 272 1.59 -3.11 12.63
CA LEU A 272 1.47 -1.73 13.04
C LEU A 272 1.39 -1.63 14.57
N HIS A 273 0.60 -2.50 15.17
CA HIS A 273 0.53 -2.56 16.62
C HIS A 273 1.94 -2.77 17.20
N SER A 274 2.60 -3.82 16.75
CA SER A 274 3.99 -4.08 17.14
C SER A 274 4.93 -2.88 16.95
N VAL A 276 3.86 0.57 16.89
CA VAL A 276 3.43 1.66 17.77
C VAL A 276 3.59 1.32 19.27
N PHE A 277 3.00 0.18 19.64
CA PHE A 277 2.95 -0.26 21.02
C PHE A 277 4.13 -1.11 21.46
N GLY A 278 4.80 -1.76 20.53
CA GLY A 278 6.04 -2.47 20.82
C GLY A 278 5.82 -3.88 21.33
N ASP A 279 6.90 -4.47 21.83
CA ASP A 279 6.93 -5.89 22.13
C ASP A 279 6.25 -6.35 23.40
N GLY A 280 5.91 -5.43 24.31
CA GLY A 280 5.36 -5.85 25.64
C GLY A 280 6.25 -5.52 26.83
N ALA A 281 7.57 -5.45 26.60
CA ALA A 281 8.49 -4.81 27.55
C ALA A 281 8.78 -3.41 27.04
N GLY A 282 7.82 -2.82 26.31
CA GLY A 282 7.92 -1.45 25.91
C GLY A 282 9.08 -1.16 24.98
N ASN A 283 9.38 -2.11 24.08
CA ASN A 283 10.32 -1.89 22.99
C ASN A 283 9.55 -1.63 21.71
N HIS A 284 9.37 -0.36 21.39
CA HIS A 284 8.65 0.03 20.18
C HIS A 284 9.63 0.28 19.05
N ASP A 285 9.12 0.73 17.90
CA ASP A 285 9.90 0.93 16.69
C ASP A 285 10.44 2.35 16.65
N HIS A 286 11.73 2.48 16.88
CA HIS A 286 12.35 3.80 16.93
C HIS A 286 12.39 4.55 15.60
N LEU A 287 12.03 3.88 14.51
CA LEU A 287 11.95 4.53 13.19
C LEU A 287 10.85 5.57 13.26
N HIS A 289 10.30 7.59 15.47
CA HIS A 289 10.75 8.89 16.00
C HIS A 289 11.15 9.82 14.88
N PHE A 290 11.08 9.37 13.63
CA PHE A 290 11.69 10.11 12.52
C PHE A 290 10.76 10.41 11.34
N THR A 291 9.52 9.91 11.42
CA THR A 291 8.52 10.11 10.38
C THR A 291 7.17 10.07 11.01
N SER A 292 6.20 10.73 10.38
CA SER A 292 4.84 10.80 10.91
C SER A 292 3.82 10.36 9.88
N ALA A 293 2.96 9.40 10.26
CA ALA A 293 1.89 8.94 9.37
C ALA A 293 0.73 9.95 9.35
N LEU A 294 0.56 10.65 8.24
CA LEU A 294 -0.46 11.69 8.13
C LEU A 294 -1.84 11.15 7.75
N THR A 295 -1.88 9.98 7.10
CA THR A 295 -3.16 9.36 6.71
C THR A 295 -3.16 7.88 7.02
N GLY A 296 -4.35 7.29 7.05
CA GLY A 296 -4.48 5.84 7.26
C GLY A 296 -5.79 5.32 6.70
N SER A 297 -5.72 4.59 5.58
CA SER A 297 -6.89 4.23 4.79
C SER A 297 -6.94 2.72 4.55
N SER A 298 -8.12 2.12 4.76
CA SER A 298 -8.37 0.72 4.41
C SER A 298 -9.19 0.64 3.11
N PHE A 299 -8.78 -0.26 2.21
CA PHE A 299 -9.47 -0.49 0.94
C PHE A 299 -9.56 -1.99 0.65
N PHE A 300 -10.41 -2.35 -0.31
CA PHE A 300 -10.37 -3.68 -0.94
C PHE A 300 -10.27 -3.44 -2.45
N ALA A 301 -9.30 -4.12 -3.06
CA ALA A 301 -9.11 -4.11 -4.49
C ALA A 301 -9.62 -5.45 -5.01
N PRO A 302 -10.83 -5.48 -5.59
CA PRO A 302 -11.30 -6.78 -6.03
C PRO A 302 -10.61 -7.28 -7.32
N SER A 303 -10.96 -8.48 -7.71
CA SER A 303 -10.62 -9.03 -9.01
C SER A 303 -11.36 -8.21 -10.03
N LEU A 304 -10.87 -8.29 -11.26
CA LEU A 304 -11.46 -7.59 -12.37
C LEU A 304 -12.88 -8.11 -12.55
N ASP A 305 -13.00 -9.42 -12.46
CA ASP A 305 -14.26 -10.09 -12.73
C ASP A 305 -15.38 -9.67 -11.79
N PHE A 306 -15.07 -9.51 -10.51
CA PHE A 306 -16.06 -8.96 -9.58
C PHE A 306 -16.56 -7.57 -9.99
N LEU A 307 -15.62 -6.67 -10.31
CA LEU A 307 -15.97 -5.29 -10.65
C LEU A 307 -16.82 -5.18 -11.91
N GLN A 309 -19.12 -7.40 -13.27
CA GLN A 309 -20.44 -8.01 -13.34
C GLN A 309 -21.61 -7.01 -13.23
N PHE A 310 -21.35 -5.72 -13.44
CA PHE A 310 -22.35 -4.67 -13.16
C PHE A 310 -22.64 -3.75 -14.36
N ASP A 311 -23.93 -3.63 -14.68
CA ASP A 311 -24.47 -2.84 -15.81
C ASP A 311 -23.61 -2.88 -17.06
#